data_3IV2
#
_entry.id   3IV2
#
_cell.length_a   61.959
_cell.length_b   61.959
_cell.length_c   206.288
_cell.angle_alpha   90.00
_cell.angle_beta   90.00
_cell.angle_gamma   120.00
#
_symmetry.space_group_name_H-M   'P 32 2 1'
#
loop_
_entity.id
_entity.type
_entity.pdbx_description
1 polymer 'Cathepsin L1'
2 non-polymer 2-acetamido-2-deoxy-beta-D-glucopyranose
3 non-polymer GLYCEROL
4 non-polymer 'SULFATE ION'
5 non-polymer 'SODIUM ION'
6 water water
#
_entity_poly.entity_id   1
_entity_poly.type   'polypeptide(L)'
_entity_poly.pdbx_seq_one_letter_code
;APRSVDWREKGYVTPVKNQGQCGSAWAFSATGALEGQMFRKTGRLISLSEQNLVDCSGPQGNEGCNGGLMDYAFQYVQDN
GGLDSEESYPYEATEESCKYNPKYSVANDTGFVDIPKQEKALMKAVATVGPISVAIDAGHESFLFYKEGIYFEPDCSSED
MDHGVLVVGYGFESTESDNNKYWLVKNSWGEEWGMGGYVKMAKDRRNHCGIASAASYPTV
;
_entity_poly.pdbx_strand_id   A,B
#
loop_
_chem_comp.id
_chem_comp.type
_chem_comp.name
_chem_comp.formula
GOL non-polymer GLYCEROL 'C3 H8 O3'
NA non-polymer 'SODIUM ION' 'Na 1'
NAG D-saccharide, beta linking 2-acetamido-2-deoxy-beta-D-glucopyranose 'C8 H15 N O6'
SO4 non-polymer 'SULFATE ION' 'O4 S -2'
#
# COMPACT_ATOMS: atom_id res chain seq x y z
N PRO A 2 -7.01 -5.35 -21.26
CA PRO A 2 -7.86 -5.79 -20.16
C PRO A 2 -8.77 -4.66 -19.69
N ARG A 3 -9.84 -5.00 -18.98
CA ARG A 3 -10.85 -4.01 -18.62
C ARG A 3 -10.64 -3.40 -17.24
N SER A 4 -9.96 -4.14 -16.37
CA SER A 4 -9.35 -3.58 -15.18
C SER A 4 -7.85 -3.71 -15.25
N VAL A 5 -7.15 -2.67 -14.82
CA VAL A 5 -5.72 -2.71 -14.57
C VAL A 5 -5.46 -2.10 -13.20
N ASP A 6 -4.60 -2.74 -12.41
CA ASP A 6 -4.26 -2.24 -11.09
C ASP A 6 -2.83 -2.61 -10.72
N TRP A 7 -1.92 -1.67 -10.87
CA TRP A 7 -0.50 -1.94 -10.73
C TRP A 7 -0.07 -2.16 -9.29
N ARG A 8 -0.90 -1.71 -8.35
CA ARG A 8 -0.64 -1.97 -6.93
C ARG A 8 -0.58 -3.47 -6.66
N GLU A 9 -1.56 -4.19 -7.18
CA GLU A 9 -1.67 -5.63 -6.97
C GLU A 9 -0.48 -6.35 -7.58
N LYS A 10 0.17 -5.70 -8.55
CA LYS A 10 1.28 -6.35 -9.24
C LYS A 10 2.62 -6.00 -8.62
N GLY A 11 2.62 -5.07 -7.66
CA GLY A 11 3.80 -4.81 -6.83
C GLY A 11 4.49 -3.51 -7.19
N TYR A 12 3.88 -2.73 -8.08
CA TYR A 12 4.54 -1.59 -8.71
C TYR A 12 4.59 -0.34 -7.85
N VAL A 13 3.77 -0.30 -6.79
CA VAL A 13 3.38 0.97 -6.16
C VAL A 13 3.70 0.96 -4.66
N THR A 14 4.49 1.93 -4.22
CA THR A 14 4.80 2.08 -2.79
C THR A 14 3.57 2.62 -2.07
N PRO A 15 3.60 2.60 -0.72
CA PRO A 15 2.50 3.15 0.06
C PRO A 15 2.36 4.66 -0.08
N VAL A 16 1.18 5.17 0.24
CA VAL A 16 0.88 6.59 0.09
C VAL A 16 1.78 7.43 0.98
N LYS A 17 2.33 8.50 0.41
CA LYS A 17 3.19 9.43 1.11
C LYS A 17 2.42 10.73 1.30
N ASN A 18 2.99 11.65 2.07
CA ASN A 18 2.35 12.94 2.36
C ASN A 18 3.30 14.10 2.12
N GLN A 19 2.93 14.97 1.18
CA GLN A 19 3.81 16.07 0.79
C GLN A 19 3.84 17.20 1.83
N GLY A 20 2.90 17.16 2.76
CA GLY A 20 2.74 18.23 3.74
C GLY A 20 2.27 19.54 3.13
N GLN A 21 2.78 20.65 3.65
CA GLN A 21 2.38 21.98 3.18
C GLN A 21 3.32 22.52 2.10
N CYS A 22 4.13 21.64 1.54
CA CYS A 22 5.09 22.02 0.52
C CYS A 22 4.56 21.64 -0.85
N GLY A 23 4.64 22.59 -1.79
CA GLY A 23 4.03 22.43 -3.11
C GLY A 23 4.83 21.52 -4.03
N SER A 24 4.98 20.26 -3.64
CA SER A 24 5.97 19.37 -4.24
C SER A 24 5.30 18.11 -4.82
N ALA A 25 4.01 18.18 -5.11
CA ALA A 25 3.30 17.05 -5.69
C ALA A 25 4.08 16.51 -6.91
N TRP A 26 4.63 17.44 -7.68
CA TRP A 26 5.40 17.07 -8.85
C TRP A 26 6.45 16.03 -8.53
N ALA A 27 7.08 16.15 -7.37
CA ALA A 27 8.17 15.25 -6.99
C ALA A 27 7.64 13.87 -6.60
N PHE A 28 6.50 13.85 -5.93
CA PHE A 28 5.91 12.57 -5.52
C PHE A 28 5.37 11.80 -6.72
N SER A 29 4.82 12.55 -7.67
CA SER A 29 4.35 11.97 -8.93
C SER A 29 5.50 11.36 -9.72
N ALA A 30 6.61 12.09 -9.81
CA ALA A 30 7.80 11.58 -10.49
C ALA A 30 8.41 10.34 -9.81
N THR A 31 8.57 10.39 -8.49
CA THR A 31 9.09 9.23 -7.78
C THR A 31 8.17 8.02 -7.89
N GLY A 32 6.86 8.23 -7.88
CA GLY A 32 5.92 7.12 -8.06
C GLY A 32 6.07 6.44 -9.40
N ALA A 33 6.22 7.25 -10.45
CA ALA A 33 6.37 6.71 -11.79
C ALA A 33 7.71 6.00 -11.98
N LEU A 34 8.76 6.54 -11.35
CA LEU A 34 10.07 5.93 -11.41
C LEU A 34 10.17 4.67 -10.52
N GLU A 35 9.49 4.68 -9.38
CA GLU A 35 9.39 3.48 -8.55
C GLU A 35 8.78 2.32 -9.33
N GLY A 36 7.71 2.61 -10.09
CA GLY A 36 7.12 1.64 -10.98
C GLY A 36 8.10 1.04 -11.98
N GLN A 37 8.79 1.90 -12.73
CA GLN A 37 9.62 1.42 -13.83
C GLN A 37 10.89 0.74 -13.34
N MET A 38 11.43 1.20 -12.22
CA MET A 38 12.49 0.46 -11.53
C MET A 38 12.03 -0.93 -11.12
N PHE A 39 10.81 -1.05 -10.60
CA PHE A 39 10.27 -2.35 -10.26
C PHE A 39 10.17 -3.23 -11.51
N ARG A 40 9.63 -2.68 -12.58
CA ARG A 40 9.46 -3.43 -13.82
C ARG A 40 10.80 -3.99 -14.27
N LYS A 41 11.86 -3.21 -14.07
CA LYS A 41 13.20 -3.59 -14.48
C LYS A 41 13.81 -4.62 -13.53
N THR A 42 13.83 -4.31 -12.24
CA THR A 42 14.66 -5.06 -11.28
C THR A 42 13.87 -6.10 -10.50
N GLY A 43 12.58 -5.83 -10.29
CA GLY A 43 11.78 -6.65 -9.39
C GLY A 43 11.95 -6.30 -7.93
N ARG A 44 12.79 -5.30 -7.67
CA ARG A 44 12.88 -4.67 -6.34
C ARG A 44 12.13 -3.34 -6.29
N LEU A 45 11.23 -3.22 -5.32
CA LEU A 45 10.52 -1.96 -5.14
C LEU A 45 11.15 -1.15 -4.03
N ILE A 46 11.79 -0.03 -4.39
CA ILE A 46 12.46 0.81 -3.41
C ILE A 46 11.93 2.24 -3.45
N SER A 47 11.52 2.74 -2.29
CA SER A 47 10.96 4.09 -2.16
C SER A 47 12.04 5.15 -2.39
N LEU A 48 11.69 6.16 -3.19
CA LEU A 48 12.67 7.07 -3.75
C LEU A 48 12.57 8.44 -3.08
N SER A 49 13.66 9.20 -3.08
CA SER A 49 13.70 10.45 -2.33
C SER A 49 13.04 11.59 -3.11
N GLU A 50 11.95 12.13 -2.58
CA GLU A 50 11.39 13.38 -3.10
C GLU A 50 12.23 14.59 -2.69
N GLN A 51 12.75 14.55 -1.47
CA GLN A 51 13.64 15.60 -0.99
C GLN A 51 14.83 15.82 -1.93
N ASN A 52 15.48 14.73 -2.33
CA ASN A 52 16.49 14.77 -3.39
C ASN A 52 16.04 15.54 -4.63
N LEU A 53 14.80 15.32 -5.07
CA LEU A 53 14.26 16.07 -6.20
C LEU A 53 14.03 17.54 -5.87
N VAL A 54 13.35 17.78 -4.75
CA VAL A 54 13.09 19.14 -4.28
C VAL A 54 14.38 19.95 -4.16
N ASP A 55 15.37 19.41 -3.45
CA ASP A 55 16.63 20.12 -3.21
C ASP A 55 17.45 20.35 -4.48
N CYS A 56 17.48 19.36 -5.39
CA CYS A 56 18.58 19.27 -6.36
C CYS A 56 18.22 19.53 -7.84
N SER A 57 16.93 19.55 -8.18
CA SER A 57 16.54 19.62 -9.60
C SER A 57 16.08 21.01 -10.05
N GLY A 58 16.49 22.03 -9.31
CA GLY A 58 16.46 23.40 -9.80
C GLY A 58 17.02 23.58 -11.20
N PRO A 59 18.21 23.03 -11.48
CA PRO A 59 18.81 23.38 -12.77
C PRO A 59 18.02 22.83 -13.96
N GLN A 60 17.16 21.85 -13.70
CA GLN A 60 16.31 21.28 -14.73
C GLN A 60 15.03 22.07 -14.90
N GLY A 61 14.78 23.02 -13.99
CA GLY A 61 13.65 23.94 -14.12
C GLY A 61 12.65 23.84 -12.99
N ASN A 62 12.92 22.96 -12.04
CA ASN A 62 12.05 22.81 -10.88
C ASN A 62 12.26 23.89 -9.81
N GLU A 63 11.21 24.18 -9.06
CA GLU A 63 11.23 25.26 -8.08
C GLU A 63 10.84 24.71 -6.70
N GLY A 64 11.28 23.50 -6.40
CA GLY A 64 11.21 22.99 -5.04
C GLY A 64 9.79 23.00 -4.52
N CYS A 65 9.54 23.76 -3.45
CA CYS A 65 8.24 23.75 -2.80
C CYS A 65 7.25 24.70 -3.45
N ASN A 66 7.71 25.43 -4.46
CA ASN A 66 6.86 26.37 -5.17
C ASN A 66 6.39 25.82 -6.52
N GLY A 67 6.68 24.56 -6.78
CA GLY A 67 6.20 23.90 -7.98
C GLY A 67 7.33 23.33 -8.83
N GLY A 68 6.95 22.55 -9.83
CA GLY A 68 7.89 21.98 -10.78
C GLY A 68 7.12 21.01 -11.65
N LEU A 69 7.84 20.20 -12.43
CA LEU A 69 7.22 19.34 -13.42
C LEU A 69 7.87 17.96 -13.33
N MET A 70 7.08 16.91 -13.51
CA MET A 70 7.63 15.57 -13.43
C MET A 70 8.67 15.26 -14.51
N ASP A 71 8.53 15.88 -15.67
CA ASP A 71 9.52 15.73 -16.73
C ASP A 71 10.88 16.30 -16.32
N TYR A 72 10.86 17.44 -15.64
CA TYR A 72 12.08 18.03 -15.11
C TYR A 72 12.73 17.09 -14.10
N ALA A 73 11.92 16.48 -13.26
CA ALA A 73 12.43 15.49 -12.31
C ALA A 73 13.14 14.35 -13.05
N PHE A 74 12.51 13.86 -14.11
CA PHE A 74 13.06 12.70 -14.83
C PHE A 74 14.36 13.12 -15.49
N GLN A 75 14.38 14.33 -16.04
CA GLN A 75 15.59 14.88 -16.63
C GLN A 75 16.72 14.99 -15.62
N TYR A 76 16.42 15.50 -14.43
CA TYR A 76 17.42 15.57 -13.39
C TYR A 76 18.05 14.20 -13.12
N VAL A 77 17.20 13.19 -12.94
CA VAL A 77 17.70 11.85 -12.64
C VAL A 77 18.62 11.33 -13.76
N GLN A 78 18.25 11.61 -15.00
CA GLN A 78 19.14 11.34 -16.12
C GLN A 78 20.47 12.10 -15.97
N ASP A 79 20.38 13.42 -15.86
CA ASP A 79 21.56 14.28 -15.82
C ASP A 79 22.44 13.92 -14.64
N ASN A 80 21.80 13.73 -13.49
CA ASN A 80 22.51 13.40 -12.25
C ASN A 80 23.17 12.03 -12.30
N GLY A 81 22.57 11.09 -13.03
CA GLY A 81 23.03 9.70 -13.03
C GLY A 81 22.68 8.95 -11.77
N GLY A 82 21.57 9.31 -11.14
CA GLY A 82 21.15 8.63 -9.91
C GLY A 82 20.11 9.40 -9.12
N LEU A 83 19.49 8.70 -8.18
CA LEU A 83 18.54 9.30 -7.25
C LEU A 83 18.57 8.50 -5.96
N ASP A 84 18.70 9.18 -4.82
CA ASP A 84 18.79 8.48 -3.53
C ASP A 84 17.46 7.84 -3.11
N SER A 85 17.56 6.82 -2.27
CA SER A 85 16.39 6.20 -1.67
C SER A 85 15.75 7.14 -0.67
N GLU A 86 14.43 7.02 -0.51
CA GLU A 86 13.71 7.70 0.57
C GLU A 86 14.39 7.54 1.93
N GLU A 87 14.87 6.33 2.23
CA GLU A 87 15.49 6.06 3.53
C GLU A 87 16.75 6.89 3.73
N SER A 88 17.59 6.97 2.71
CA SER A 88 18.88 7.64 2.83
C SER A 88 18.72 9.16 2.83
N TYR A 89 17.62 9.64 2.25
CA TYR A 89 17.45 11.08 2.00
C TYR A 89 16.00 11.48 2.27
N PRO A 90 15.65 11.62 3.56
CA PRO A 90 14.27 11.64 4.04
C PRO A 90 13.55 12.94 3.67
N TYR A 91 12.22 12.90 3.63
CA TYR A 91 11.42 14.06 3.24
C TYR A 91 11.19 15.02 4.41
N GLU A 92 11.41 16.31 4.17
CA GLU A 92 11.36 17.29 5.25
C GLU A 92 10.30 18.36 4.99
N ALA A 93 9.68 18.33 3.82
CA ALA A 93 8.63 19.28 3.48
C ALA A 93 9.12 20.72 3.52
N THR A 94 10.40 20.91 3.21
CA THR A 94 10.96 22.25 3.01
C THR A 94 12.20 22.16 2.12
N GLU A 95 12.48 23.21 1.37
CA GLU A 95 13.62 23.18 0.45
C GLU A 95 14.90 23.56 1.17
N GLU A 96 15.90 22.69 1.07
CA GLU A 96 17.23 22.98 1.59
C GLU A 96 18.26 22.79 0.48
N SER A 97 19.54 22.93 0.83
CA SER A 97 20.62 22.71 -0.14
C SER A 97 20.71 21.24 -0.58
N CYS A 98 21.20 21.01 -1.79
CA CYS A 98 21.36 19.66 -2.30
C CYS A 98 22.29 18.84 -1.42
N LYS A 99 21.97 17.57 -1.27
CA LYS A 99 22.75 16.68 -0.43
C LYS A 99 22.81 15.30 -1.05
N TYR A 100 22.60 15.24 -2.36
CA TYR A 100 22.75 14.00 -3.11
C TYR A 100 24.08 13.34 -2.79
N ASN A 101 24.04 12.06 -2.47
CA ASN A 101 25.24 11.26 -2.30
C ASN A 101 25.14 10.04 -3.20
N PRO A 102 26.05 9.92 -4.17
CA PRO A 102 25.95 8.90 -5.22
C PRO A 102 26.10 7.48 -4.68
N LYS A 103 26.74 7.34 -3.52
CA LYS A 103 26.87 6.04 -2.86
C LYS A 103 25.51 5.45 -2.51
N TYR A 104 24.49 6.31 -2.47
CA TYR A 104 23.18 5.91 -1.97
C TYR A 104 22.13 5.88 -3.07
N SER A 105 22.59 5.91 -4.31
CA SER A 105 21.68 5.91 -5.45
C SER A 105 21.03 4.54 -5.61
N VAL A 106 19.73 4.52 -5.87
CA VAL A 106 19.01 3.28 -6.07
C VAL A 106 18.15 3.27 -7.33
N ALA A 107 18.25 4.35 -8.12
CA ALA A 107 17.47 4.46 -9.34
C ALA A 107 18.19 5.26 -10.41
N ASN A 108 18.02 4.82 -11.66
CA ASN A 108 18.47 5.56 -12.82
C ASN A 108 17.26 5.86 -13.67
N ASP A 109 17.43 6.76 -14.62
CA ASP A 109 16.63 6.68 -15.82
C ASP A 109 17.35 7.22 -17.04
N THR A 110 16.68 7.12 -18.17
CA THR A 110 17.33 7.09 -19.45
C THR A 110 16.69 8.19 -20.28
N GLY A 111 15.77 8.90 -19.64
CA GLY A 111 14.92 9.85 -20.32
C GLY A 111 13.47 9.68 -19.89
N PHE A 112 12.56 10.12 -20.74
CA PHE A 112 11.15 9.95 -20.47
C PHE A 112 10.35 10.04 -21.77
N VAL A 113 9.11 9.59 -21.71
CA VAL A 113 8.22 9.61 -22.86
C VAL A 113 6.98 10.42 -22.49
N ASP A 114 6.74 11.50 -23.22
CA ASP A 114 5.50 12.25 -23.09
C ASP A 114 4.39 11.59 -23.91
N ILE A 115 3.23 11.46 -23.31
CA ILE A 115 2.07 10.88 -23.96
C ILE A 115 1.17 12.02 -24.44
N PRO A 116 0.61 11.90 -25.66
CA PRO A 116 -0.41 12.84 -26.12
C PRO A 116 -1.55 12.96 -25.12
N LYS A 117 -2.15 14.14 -25.02
CA LYS A 117 -3.36 14.33 -24.23
C LYS A 117 -4.59 13.77 -24.96
N GLN A 118 -4.60 12.46 -25.15
CA GLN A 118 -5.82 11.71 -25.45
C GLN A 118 -6.01 10.66 -24.37
N GLU A 119 -7.26 10.46 -23.93
CA GLU A 119 -7.53 9.49 -22.87
C GLU A 119 -7.24 8.07 -23.34
N LYS A 120 -7.26 7.87 -24.66
CA LYS A 120 -6.97 6.57 -25.24
C LYS A 120 -5.47 6.26 -25.25
N ALA A 121 -4.66 7.28 -25.51
CA ALA A 121 -3.21 7.14 -25.45
C ALA A 121 -2.72 6.93 -24.02
N LEU A 122 -3.38 7.58 -23.07
CA LEU A 122 -3.14 7.35 -21.64
C LEU A 122 -3.57 5.95 -21.21
N MET A 123 -4.72 5.51 -21.73
CA MET A 123 -5.20 4.17 -21.40
C MET A 123 -4.22 3.10 -21.87
N LYS A 124 -3.71 3.25 -23.09
CA LYS A 124 -2.71 2.33 -23.62
C LYS A 124 -1.45 2.30 -22.75
N ALA A 125 -0.96 3.47 -22.38
CA ALA A 125 0.24 3.57 -21.55
C ALA A 125 0.02 2.89 -20.19
N VAL A 126 -1.05 3.26 -19.50
CA VAL A 126 -1.41 2.62 -18.23
C VAL A 126 -1.51 1.10 -18.38
N ALA A 127 -2.12 0.65 -19.47
CA ALA A 127 -2.32 -0.79 -19.71
C ALA A 127 -0.99 -1.51 -19.88
N THR A 128 0.02 -0.79 -20.35
CA THR A 128 1.15 -1.40 -21.03
C THR A 128 2.50 -1.10 -20.35
N VAL A 129 2.60 0.05 -19.69
CA VAL A 129 3.89 0.53 -19.20
C VAL A 129 4.00 0.35 -17.68
N GLY A 130 2.95 0.72 -16.98
CA GLY A 130 3.00 0.86 -15.53
C GLY A 130 2.34 2.14 -15.07
N PRO A 131 2.57 2.53 -13.82
CA PRO A 131 1.95 3.75 -13.31
C PRO A 131 2.48 4.97 -14.06
N ILE A 132 1.58 5.91 -14.35
CA ILE A 132 1.91 7.04 -15.22
C ILE A 132 1.74 8.36 -14.46
N SER A 133 2.73 9.24 -14.59
CA SER A 133 2.60 10.61 -14.08
C SER A 133 1.63 11.44 -14.91
N VAL A 134 0.72 12.13 -14.23
CA VAL A 134 -0.11 13.12 -14.88
C VAL A 134 -0.37 14.25 -13.89
N ALA A 135 -0.97 15.33 -14.38
CA ALA A 135 -1.39 16.41 -13.51
C ALA A 135 -2.90 16.61 -13.63
N ILE A 136 -3.55 16.83 -12.50
CA ILE A 136 -4.99 17.04 -12.46
C ILE A 136 -5.32 18.35 -11.77
N ASP A 137 -6.59 18.74 -11.88
CA ASP A 137 -7.12 19.87 -11.17
C ASP A 137 -7.57 19.43 -9.79
N ALA A 138 -6.84 19.86 -8.77
CA ALA A 138 -7.10 19.44 -7.39
C ALA A 138 -7.62 20.58 -6.52
N GLY A 139 -8.15 21.62 -7.17
CA GLY A 139 -8.38 22.89 -6.49
C GLY A 139 -9.74 22.98 -5.83
N HIS A 140 -10.62 22.02 -6.14
CA HIS A 140 -12.02 22.12 -5.75
C HIS A 140 -12.30 21.52 -4.39
N GLU A 141 -13.25 22.10 -3.67
CA GLU A 141 -13.51 21.75 -2.29
C GLU A 141 -13.93 20.28 -2.18
N SER A 142 -14.68 19.82 -3.18
CA SER A 142 -15.15 18.44 -3.19
C SER A 142 -14.04 17.44 -3.47
N PHE A 143 -12.96 17.90 -4.11
CA PHE A 143 -11.74 17.09 -4.18
C PHE A 143 -10.99 17.05 -2.84
N LEU A 144 -11.01 18.17 -2.12
CA LEU A 144 -10.41 18.24 -0.79
C LEU A 144 -11.08 17.26 0.17
N PHE A 145 -12.41 17.22 0.13
CA PHE A 145 -13.18 16.43 1.07
C PHE A 145 -13.46 15.02 0.58
N TYR A 146 -12.93 14.69 -0.59
CA TYR A 146 -13.21 13.42 -1.23
C TYR A 146 -12.86 12.27 -0.31
N LYS A 147 -13.75 11.27 -0.25
CA LYS A 147 -13.58 10.13 0.64
C LYS A 147 -13.73 8.80 -0.10
N GLU A 148 -14.72 8.72 -1.00
CA GLU A 148 -14.98 7.48 -1.73
C GLU A 148 -15.79 7.73 -3.00
N GLY A 149 -15.92 6.69 -3.81
CA GLY A 149 -16.78 6.76 -4.99
C GLY A 149 -16.08 7.39 -6.17
N ILE A 150 -16.84 7.68 -7.22
CA ILE A 150 -16.25 8.28 -8.41
C ILE A 150 -16.25 9.80 -8.31
N TYR A 151 -15.09 10.40 -8.54
CA TYR A 151 -14.97 11.84 -8.50
C TYR A 151 -15.13 12.47 -9.89
N PHE A 152 -16.07 13.40 -10.03
CA PHE A 152 -16.25 14.11 -11.28
C PHE A 152 -15.69 15.53 -11.22
N GLU A 153 -14.62 15.79 -11.97
CA GLU A 153 -14.16 17.16 -12.19
C GLU A 153 -15.29 18.04 -12.70
N PRO A 154 -15.55 19.16 -12.01
CA PRO A 154 -16.80 19.93 -12.17
C PRO A 154 -16.73 20.88 -13.36
N ASP A 155 -15.52 21.28 -13.73
CA ASP A 155 -15.30 21.95 -15.00
C ASP A 155 -14.06 21.42 -15.72
N CYS A 156 -13.90 21.81 -16.98
CA CYS A 156 -12.69 21.51 -17.72
C CYS A 156 -11.91 22.79 -18.03
N SER A 157 -10.63 22.78 -17.65
CA SER A 157 -9.84 24.00 -17.58
C SER A 157 -8.36 23.65 -17.52
N SER A 158 -7.66 23.86 -18.63
CA SER A 158 -6.30 23.36 -18.79
C SER A 158 -5.33 23.94 -17.77
N GLU A 159 -5.44 25.24 -17.54
CA GLU A 159 -4.50 25.96 -16.67
C GLU A 159 -4.62 25.54 -15.21
N ASP A 160 -5.75 24.94 -14.85
CA ASP A 160 -5.98 24.54 -13.46
C ASP A 160 -5.58 23.10 -13.18
N MET A 161 -5.21 22.36 -14.23
CA MET A 161 -4.69 21.00 -14.06
C MET A 161 -3.19 21.02 -13.80
N ASP A 162 -2.83 21.24 -12.55
CA ASP A 162 -1.44 21.53 -12.22
C ASP A 162 -1.00 20.83 -10.94
N HIS A 163 -1.75 19.81 -10.51
CA HIS A 163 -1.37 19.00 -9.35
C HIS A 163 -0.95 17.60 -9.79
N GLY A 164 0.34 17.31 -9.68
CA GLY A 164 0.89 16.05 -10.17
C GLY A 164 0.48 14.87 -9.32
N VAL A 165 -0.02 13.82 -9.96
CA VAL A 165 -0.43 12.59 -9.27
C VAL A 165 0.00 11.37 -10.09
N LEU A 166 -0.37 10.18 -9.63
CA LEU A 166 0.06 8.97 -10.30
C LEU A 166 -1.13 8.08 -10.63
N VAL A 167 -1.34 7.83 -11.92
CA VAL A 167 -2.39 6.92 -12.37
C VAL A 167 -1.89 5.49 -12.31
N VAL A 168 -2.45 4.69 -11.43
CA VAL A 168 -1.93 3.35 -11.18
C VAL A 168 -2.87 2.27 -11.74
N GLY A 169 -3.97 2.70 -12.33
CA GLY A 169 -4.88 1.76 -12.97
C GLY A 169 -6.17 2.38 -13.44
N TYR A 170 -7.05 1.55 -13.96
CA TYR A 170 -8.42 1.96 -14.23
C TYR A 170 -9.32 0.74 -14.07
N GLY A 171 -10.61 0.99 -13.96
CA GLY A 171 -11.62 -0.07 -14.00
C GLY A 171 -13.01 0.51 -14.06
N PHE A 172 -13.96 -0.16 -13.42
CA PHE A 172 -15.35 0.24 -13.46
C PHE A 172 -16.06 -0.12 -12.16
N GLU A 173 -17.01 0.72 -11.76
CA GLU A 173 -17.77 0.48 -10.55
C GLU A 173 -18.76 -0.66 -10.75
N SER A 174 -19.53 -0.56 -11.82
CA SER A 174 -20.83 -1.20 -11.87
C SER A 174 -20.70 -2.70 -11.62
N THR A 175 -21.79 -3.41 -11.82
CA THR A 175 -21.73 -4.80 -12.24
C THR A 175 -21.59 -4.84 -13.75
N GLU A 176 -21.64 -3.68 -14.38
CA GLU A 176 -21.65 -3.58 -15.83
C GLU A 176 -20.23 -3.49 -16.36
N SER A 177 -19.69 -2.28 -16.39
CA SER A 177 -18.50 -2.01 -17.20
C SER A 177 -18.93 -1.43 -18.54
N ASP A 178 -18.04 -0.65 -19.14
CA ASP A 178 -18.48 0.36 -20.12
C ASP A 178 -19.47 1.33 -19.49
N ASN A 179 -19.78 1.13 -18.21
CA ASN A 179 -20.42 2.17 -17.41
C ASN A 179 -19.74 2.42 -16.06
N ASN A 180 -19.78 3.68 -15.61
CA ASN A 180 -19.12 4.08 -14.38
C ASN A 180 -17.64 3.74 -14.37
N LYS A 181 -16.95 4.09 -15.46
CA LYS A 181 -15.51 3.89 -15.55
C LYS A 181 -14.74 4.92 -14.70
N TYR A 182 -13.55 4.55 -14.24
CA TYR A 182 -12.70 5.43 -13.45
C TYR A 182 -11.22 5.12 -13.65
N TRP A 183 -10.37 6.14 -13.50
CA TRP A 183 -8.95 5.94 -13.25
C TRP A 183 -8.69 5.80 -11.75
N LEU A 184 -7.82 4.87 -11.38
CA LEU A 184 -7.28 4.81 -10.03
C LEU A 184 -6.07 5.73 -9.90
N VAL A 185 -6.17 6.71 -9.00
CA VAL A 185 -5.16 7.76 -8.90
C VAL A 185 -4.58 7.86 -7.49
N LYS A 186 -3.26 7.71 -7.38
CA LYS A 186 -2.58 7.85 -6.10
C LYS A 186 -2.20 9.30 -5.86
N ASN A 187 -2.75 9.87 -4.80
CA ASN A 187 -2.41 11.23 -4.38
C ASN A 187 -1.23 11.24 -3.41
N SER A 188 -0.72 12.42 -3.09
CA SER A 188 0.35 12.55 -2.10
C SER A 188 -0.10 13.42 -0.93
N TRP A 189 -1.33 13.21 -0.49
CA TRP A 189 -1.87 13.95 0.64
C TRP A 189 -2.01 13.06 1.87
N GLY A 190 -1.22 11.99 1.94
CA GLY A 190 -1.25 11.08 3.08
C GLY A 190 -2.46 10.17 3.05
N GLU A 191 -2.50 9.21 3.97
CA GLU A 191 -3.43 8.11 3.84
C GLU A 191 -4.80 8.47 4.42
N GLU A 192 -4.89 9.61 5.08
CA GLU A 192 -6.17 10.09 5.62
C GLU A 192 -6.99 10.91 4.62
N TRP A 193 -6.38 11.30 3.50
CA TRP A 193 -7.16 11.83 2.39
C TRP A 193 -7.74 10.73 1.55
N GLY A 194 -9.01 10.89 1.16
CA GLY A 194 -9.59 10.07 0.12
C GLY A 194 -9.76 8.63 0.58
N MET A 195 -9.51 7.70 -0.34
CA MET A 195 -9.67 6.26 -0.07
C MET A 195 -8.31 5.62 0.19
N GLY A 196 -7.79 5.79 1.41
CA GLY A 196 -6.41 5.41 1.71
C GLY A 196 -5.38 6.21 0.92
N GLY A 197 -5.75 7.43 0.52
CA GLY A 197 -4.84 8.31 -0.21
C GLY A 197 -5.05 8.24 -1.69
N TYR A 198 -6.03 7.45 -2.11
CA TYR A 198 -6.33 7.23 -3.52
C TYR A 198 -7.63 7.92 -3.91
N VAL A 199 -7.84 8.13 -5.21
CA VAL A 199 -9.12 8.63 -5.69
C VAL A 199 -9.50 7.97 -7.00
N LYS A 200 -10.78 7.63 -7.13
CA LYS A 200 -11.30 7.13 -8.39
C LYS A 200 -11.84 8.30 -9.20
N MET A 201 -11.22 8.54 -10.35
CA MET A 201 -11.59 9.69 -11.16
C MET A 201 -12.38 9.29 -12.38
N ALA A 202 -13.47 10.02 -12.62
CA ALA A 202 -14.38 9.72 -13.71
C ALA A 202 -13.60 9.58 -15.02
N LYS A 203 -13.82 8.46 -15.72
CA LYS A 203 -13.05 8.15 -16.92
C LYS A 203 -13.95 7.92 -18.11
N ASP A 204 -13.45 8.29 -19.29
CA ASP A 204 -14.21 8.18 -20.53
C ASP A 204 -15.56 8.89 -20.44
N ARG A 205 -15.52 10.16 -20.02
CA ARG A 205 -16.74 10.96 -19.87
C ARG A 205 -17.32 11.38 -21.22
N ARG A 206 -18.55 11.88 -21.19
CA ARG A 206 -19.29 12.15 -22.42
C ARG A 206 -19.23 13.63 -22.78
N ASN A 207 -18.73 14.45 -21.85
CA ASN A 207 -18.33 15.81 -22.17
C ASN A 207 -16.88 15.89 -22.64
N HIS A 208 -16.24 14.74 -22.79
CA HIS A 208 -14.93 14.66 -23.43
C HIS A 208 -13.87 15.45 -22.69
N CYS A 209 -14.09 15.70 -21.40
CA CYS A 209 -13.01 16.20 -20.55
C CYS A 209 -12.17 15.05 -20.01
N GLY A 210 -10.90 15.05 -20.37
CA GLY A 210 -9.98 14.03 -19.90
C GLY A 210 -9.26 14.43 -18.62
N ILE A 211 -8.24 13.66 -18.26
CA ILE A 211 -7.33 14.01 -17.17
C ILE A 211 -5.90 13.74 -17.60
N ALA A 212 -5.73 13.34 -18.87
CA ALA A 212 -4.41 13.11 -19.43
C ALA A 212 -3.68 14.42 -19.74
N SER A 213 -3.77 15.37 -18.80
CA SER A 213 -3.14 16.68 -18.98
C SER A 213 -1.68 16.60 -19.44
N ALA A 214 -0.77 16.34 -18.51
CA ALA A 214 0.65 16.38 -18.82
C ALA A 214 1.28 15.01 -18.55
N ALA A 215 0.85 14.03 -19.33
CA ALA A 215 1.11 12.63 -19.03
C ALA A 215 2.53 12.26 -19.43
N SER A 216 3.23 11.48 -18.60
CA SER A 216 4.51 10.94 -19.00
C SER A 216 5.00 9.85 -18.05
N TYR A 217 5.99 9.10 -18.50
CA TYR A 217 6.68 8.12 -17.65
C TYR A 217 8.17 8.08 -18.00
N PRO A 218 9.01 7.79 -17.00
CA PRO A 218 10.44 7.69 -17.24
C PRO A 218 10.79 6.42 -18.01
N THR A 219 11.84 6.48 -18.80
CA THR A 219 12.43 5.27 -19.38
C THR A 219 13.67 4.85 -18.58
N VAL A 220 13.90 3.56 -18.50
CA VAL A 220 15.00 3.01 -17.72
C VAL A 220 15.76 1.94 -18.51
N ALA B 1 12.01 -0.17 21.39
CA ALA B 1 12.00 1.05 22.24
C ALA B 1 11.66 2.30 21.43
N PRO B 2 11.92 2.29 20.11
CA PRO B 2 11.56 3.48 19.33
C PRO B 2 10.11 3.86 19.54
N ARG B 3 9.81 5.15 19.47
CA ARG B 3 8.47 5.64 19.78
C ARG B 3 7.45 5.43 18.66
N SER B 4 7.93 5.33 17.42
CA SER B 4 7.06 4.96 16.31
C SER B 4 7.72 3.89 15.48
N VAL B 5 6.90 3.13 14.79
CA VAL B 5 7.36 2.07 13.91
C VAL B 5 6.30 1.91 12.85
N ASP B 6 6.72 1.82 11.60
CA ASP B 6 5.77 1.60 10.52
C ASP B 6 6.42 0.79 9.42
N TRP B 7 5.99 -0.46 9.29
CA TRP B 7 6.68 -1.41 8.43
C TRP B 7 6.30 -1.29 6.96
N ARG B 8 5.13 -0.73 6.70
CA ARG B 8 4.74 -0.42 5.33
C ARG B 8 5.77 0.48 4.68
N GLU B 9 6.13 1.57 5.38
CA GLU B 9 7.18 2.47 4.93
C GLU B 9 8.47 1.73 4.60
N LYS B 10 8.72 0.62 5.29
CA LYS B 10 9.98 -0.10 5.11
C LYS B 10 9.89 -1.17 4.02
N GLY B 11 8.69 -1.36 3.47
CA GLY B 11 8.50 -2.23 2.33
C GLY B 11 8.10 -3.65 2.69
N TYR B 12 7.61 -3.85 3.90
CA TYR B 12 7.35 -5.19 4.45
C TYR B 12 5.95 -5.69 4.15
N VAL B 13 5.09 -4.82 3.62
CA VAL B 13 3.65 -5.03 3.71
C VAL B 13 2.98 -4.85 2.34
N THR B 14 2.31 -5.88 1.86
CA THR B 14 1.57 -5.82 0.59
C THR B 14 0.34 -4.94 0.72
N PRO B 15 -0.27 -4.56 -0.42
CA PRO B 15 -1.51 -3.79 -0.39
C PRO B 15 -2.65 -4.56 0.24
N VAL B 16 -3.69 -3.82 0.64
CA VAL B 16 -4.80 -4.40 1.36
C VAL B 16 -5.61 -5.29 0.44
N LYS B 17 -5.97 -6.45 0.98
CA LYS B 17 -6.72 -7.45 0.22
C LYS B 17 -8.10 -7.56 0.83
N ASN B 18 -8.98 -8.33 0.17
CA ASN B 18 -10.35 -8.48 0.63
C ASN B 18 -10.72 -9.96 0.74
N GLN B 19 -11.10 -10.38 1.94
CA GLN B 19 -11.40 -11.78 2.19
C GLN B 19 -12.76 -12.19 1.64
N GLY B 20 -13.60 -11.21 1.30
CA GLY B 20 -14.98 -11.47 0.88
C GLY B 20 -15.89 -11.88 2.02
N GLN B 21 -16.87 -12.75 1.73
CA GLN B 21 -17.80 -13.22 2.74
C GLN B 21 -17.28 -14.50 3.39
N CYS B 22 -16.06 -14.90 3.04
CA CYS B 22 -15.46 -16.11 3.54
C CYS B 22 -14.73 -15.84 4.86
N GLY B 23 -15.01 -16.66 5.87
CA GLY B 23 -14.37 -16.49 7.17
C GLY B 23 -12.93 -16.96 7.18
N SER B 24 -12.09 -16.25 6.45
CA SER B 24 -10.70 -16.66 6.20
C SER B 24 -9.66 -15.67 6.72
N ALA B 25 -10.08 -14.79 7.62
CA ALA B 25 -9.21 -13.68 8.05
C ALA B 25 -7.93 -14.26 8.63
N TRP B 26 -8.04 -15.43 9.23
CA TRP B 26 -6.89 -16.11 9.81
C TRP B 26 -5.79 -16.29 8.77
N ALA B 27 -6.21 -16.50 7.52
CA ALA B 27 -5.29 -16.74 6.41
C ALA B 27 -4.60 -15.46 5.93
N PHE B 28 -5.35 -14.36 5.88
CA PHE B 28 -4.77 -13.09 5.45
C PHE B 28 -3.81 -12.57 6.50
N SER B 29 -4.17 -12.76 7.76
CA SER B 29 -3.30 -12.42 8.87
C SER B 29 -2.00 -13.23 8.79
N ALA B 30 -2.12 -14.53 8.57
CA ALA B 30 -0.94 -15.38 8.44
C ALA B 30 -0.05 -15.01 7.25
N THR B 31 -0.64 -14.82 6.08
CA THR B 31 0.17 -14.46 4.90
C THR B 31 0.84 -13.11 5.10
N GLY B 32 0.13 -12.18 5.72
CA GLY B 32 0.70 -10.87 6.05
C GLY B 32 1.99 -11.02 6.83
N ALA B 33 1.97 -11.87 7.86
CA ALA B 33 3.12 -12.00 8.73
C ALA B 33 4.26 -12.71 8.02
N LEU B 34 3.92 -13.68 7.18
CA LEU B 34 4.92 -14.40 6.41
C LEU B 34 5.51 -13.52 5.30
N GLU B 35 4.68 -12.70 4.67
CA GLU B 35 5.16 -11.74 3.68
C GLU B 35 6.20 -10.82 4.30
N GLY B 36 5.95 -10.41 5.54
CA GLY B 36 6.88 -9.57 6.27
C GLY B 36 8.20 -10.28 6.47
N GLN B 37 8.14 -11.52 6.95
CA GLN B 37 9.37 -12.23 7.29
C GLN B 37 10.18 -12.68 6.06
N MET B 38 9.48 -12.98 4.98
CA MET B 38 10.14 -13.27 3.70
C MET B 38 10.85 -12.04 3.14
N PHE B 39 10.23 -10.88 3.26
CA PHE B 39 10.87 -9.62 2.89
C PHE B 39 12.17 -9.38 3.66
N ARG B 40 12.11 -9.51 4.98
CA ARG B 40 13.31 -9.38 5.80
C ARG B 40 14.43 -10.27 5.28
N LYS B 41 14.10 -11.49 4.89
CA LYS B 41 15.09 -12.49 4.50
C LYS B 41 15.65 -12.27 3.09
N THR B 42 14.77 -11.93 2.15
CA THR B 42 15.15 -11.90 0.74
C THR B 42 15.23 -10.48 0.19
N GLY B 43 14.47 -9.57 0.79
CA GLY B 43 14.34 -8.22 0.28
C GLY B 43 13.30 -8.11 -0.82
N ARG B 44 12.67 -9.24 -1.14
CA ARG B 44 11.61 -9.25 -2.15
C ARG B 44 10.25 -9.46 -1.50
N LEU B 45 9.37 -8.48 -1.69
CA LEU B 45 8.00 -8.59 -1.22
C LEU B 45 7.15 -9.31 -2.26
N ILE B 46 6.63 -10.48 -1.90
CA ILE B 46 5.79 -11.25 -2.80
C ILE B 46 4.49 -11.64 -2.11
N SER B 47 3.38 -11.14 -2.64
CA SER B 47 2.06 -11.46 -2.14
C SER B 47 1.85 -12.99 -2.11
N LEU B 48 1.32 -13.49 -0.99
CA LEU B 48 1.24 -14.94 -0.77
C LEU B 48 -0.21 -15.42 -0.88
N SER B 49 -0.37 -16.72 -1.10
CA SER B 49 -1.69 -17.27 -1.42
C SER B 49 -2.43 -17.66 -0.16
N GLU B 50 -3.44 -16.88 0.19
CA GLU B 50 -4.41 -17.27 1.21
C GLU B 50 -5.13 -18.55 0.84
N GLN B 51 -5.49 -18.64 -0.44
CA GLN B 51 -6.28 -19.76 -0.93
C GLN B 51 -5.52 -21.08 -0.71
N ASN B 52 -4.23 -21.08 -1.00
CA ASN B 52 -3.35 -22.17 -0.61
C ASN B 52 -3.57 -22.60 0.84
N LEU B 53 -3.68 -21.62 1.74
CA LEU B 53 -3.86 -21.91 3.16
C LEU B 53 -5.26 -22.45 3.45
N VAL B 54 -6.27 -21.81 2.85
CA VAL B 54 -7.65 -22.18 3.07
C VAL B 54 -7.94 -23.60 2.55
N ASP B 55 -7.42 -23.92 1.36
CA ASP B 55 -7.61 -25.25 0.77
C ASP B 55 -6.86 -26.38 1.49
N CYS B 56 -5.64 -26.10 1.97
CA CYS B 56 -4.64 -27.16 2.14
C CYS B 56 -4.24 -27.37 3.60
N SER B 57 -4.61 -26.46 4.49
CA SER B 57 -4.10 -26.49 5.86
C SER B 57 -5.11 -27.02 6.86
N GLY B 58 -6.08 -27.78 6.36
CA GLY B 58 -6.97 -28.58 7.21
C GLY B 58 -6.25 -29.52 8.16
N PRO B 59 -5.26 -30.28 7.67
CA PRO B 59 -4.66 -31.28 8.54
C PRO B 59 -3.98 -30.67 9.77
N GLN B 60 -3.64 -29.39 9.69
CA GLN B 60 -3.04 -28.70 10.82
C GLN B 60 -4.09 -28.13 11.77
N GLY B 61 -5.36 -28.23 11.38
CA GLY B 61 -6.45 -27.86 12.28
C GLY B 61 -7.30 -26.70 11.78
N ASN B 62 -6.94 -26.13 10.63
CA ASN B 62 -7.74 -25.04 10.06
C ASN B 62 -9.02 -25.51 9.37
N GLU B 63 -10.03 -24.65 9.37
CA GLU B 63 -11.35 -25.05 8.87
C GLU B 63 -11.82 -24.16 7.72
N GLY B 64 -10.89 -23.76 6.85
CA GLY B 64 -11.25 -23.02 5.64
C GLY B 64 -12.02 -21.74 5.93
N CYS B 65 -13.17 -21.58 5.27
CA CYS B 65 -13.96 -20.36 5.37
C CYS B 65 -14.77 -20.33 6.68
N ASN B 66 -14.67 -21.41 7.44
CA ASN B 66 -15.30 -21.49 8.75
C ASN B 66 -14.35 -21.13 9.91
N GLY B 67 -13.13 -20.74 9.58
CA GLY B 67 -12.22 -20.24 10.60
C GLY B 67 -10.97 -21.08 10.71
N GLY B 68 -10.13 -20.73 11.67
CA GLY B 68 -8.74 -21.18 11.67
C GLY B 68 -7.88 -20.25 12.48
N LEU B 69 -6.57 -20.46 12.40
CA LEU B 69 -5.63 -19.93 13.39
C LEU B 69 -4.34 -19.66 12.65
N MET B 70 -3.81 -18.45 12.83
CA MET B 70 -2.53 -18.09 12.25
C MET B 70 -1.44 -19.14 12.54
N ASP B 71 -1.39 -19.64 13.78
CA ASP B 71 -0.36 -20.62 14.14
C ASP B 71 -0.47 -21.90 13.32
N TYR B 72 -1.71 -22.34 13.07
CA TYR B 72 -1.92 -23.53 12.25
C TYR B 72 -1.42 -23.30 10.82
N ALA B 73 -1.68 -22.11 10.30
CA ALA B 73 -1.13 -21.70 8.99
C ALA B 73 0.41 -21.75 8.93
N PHE B 74 1.06 -21.26 9.97
CA PHE B 74 2.53 -21.25 9.99
C PHE B 74 3.05 -22.68 10.06
N GLN B 75 2.33 -23.53 10.76
CA GLN B 75 2.68 -24.93 10.89
C GLN B 75 2.49 -25.69 9.56
N TYR B 76 1.40 -25.39 8.85
CA TYR B 76 1.22 -25.93 7.51
C TYR B 76 2.41 -25.61 6.62
N VAL B 77 2.81 -24.33 6.57
CA VAL B 77 3.93 -23.94 5.73
C VAL B 77 5.20 -24.75 6.07
N GLN B 78 5.47 -24.92 7.36
CA GLN B 78 6.59 -25.76 7.77
C GLN B 78 6.45 -27.21 7.33
N ASP B 79 5.30 -27.81 7.60
CA ASP B 79 5.08 -29.20 7.26
C ASP B 79 5.16 -29.36 5.76
N ASN B 80 4.52 -28.43 5.05
CA ASN B 80 4.38 -28.50 3.60
C ASN B 80 5.70 -28.20 2.90
N GLY B 81 6.56 -27.44 3.57
CA GLY B 81 7.82 -27.00 2.97
C GLY B 81 7.66 -26.00 1.85
N GLY B 82 6.51 -25.31 1.82
CA GLY B 82 6.37 -24.12 0.97
C GLY B 82 4.98 -23.53 0.94
N LEU B 83 4.82 -22.46 0.17
CA LEU B 83 3.52 -21.84 -0.02
C LEU B 83 3.56 -21.07 -1.34
N ASP B 84 2.51 -21.20 -2.15
CA ASP B 84 2.47 -20.58 -3.47
C ASP B 84 2.23 -19.07 -3.38
N SER B 85 2.63 -18.37 -4.43
CA SER B 85 2.35 -16.95 -4.55
C SER B 85 0.86 -16.70 -4.68
N GLU B 86 0.43 -15.49 -4.36
CA GLU B 86 -0.92 -15.03 -4.66
C GLU B 86 -1.22 -15.13 -6.15
N GLU B 87 -0.20 -14.80 -6.97
CA GLU B 87 -0.39 -14.78 -8.43
C GLU B 87 -0.68 -16.16 -8.99
N SER B 88 0.11 -17.14 -8.57
CA SER B 88 -0.05 -18.51 -9.03
C SER B 88 -1.31 -19.20 -8.49
N TYR B 89 -1.79 -18.73 -7.34
CA TYR B 89 -2.85 -19.45 -6.61
C TYR B 89 -3.85 -18.44 -6.03
N PRO B 90 -4.70 -17.88 -6.90
CA PRO B 90 -5.48 -16.68 -6.61
C PRO B 90 -6.62 -16.95 -5.63
N TYR B 91 -7.09 -15.89 -4.98
CA TYR B 91 -8.14 -16.01 -3.98
C TYR B 91 -9.52 -16.16 -4.61
N GLU B 92 -10.28 -17.17 -4.16
CA GLU B 92 -11.62 -17.45 -4.70
C GLU B 92 -12.72 -17.06 -3.71
N ALA B 93 -12.34 -16.88 -2.45
CA ALA B 93 -13.30 -16.64 -1.38
C ALA B 93 -14.26 -17.81 -1.21
N THR B 94 -13.74 -19.02 -1.36
CA THR B 94 -14.49 -20.24 -1.05
C THR B 94 -13.51 -21.41 -0.96
N GLU B 95 -13.86 -22.42 -0.18
CA GLU B 95 -12.96 -23.54 0.02
C GLU B 95 -13.09 -24.54 -1.11
N GLU B 96 -11.98 -24.82 -1.79
CA GLU B 96 -11.93 -25.91 -2.75
C GLU B 96 -10.85 -26.92 -2.35
N SER B 97 -10.63 -27.93 -3.20
CA SER B 97 -9.61 -28.92 -2.91
C SER B 97 -8.22 -28.32 -3.10
N CYS B 98 -7.23 -28.93 -2.45
CA CYS B 98 -5.87 -28.40 -2.46
C CYS B 98 -5.27 -28.43 -3.85
N LYS B 99 -4.55 -27.37 -4.20
CA LYS B 99 -3.92 -27.24 -5.51
C LYS B 99 -2.45 -26.84 -5.37
N TYR B 100 -1.91 -26.99 -4.17
CA TYR B 100 -0.52 -26.63 -3.94
C TYR B 100 0.35 -27.19 -5.05
N ASN B 101 1.14 -26.32 -5.66
CA ASN B 101 2.16 -26.75 -6.62
C ASN B 101 3.54 -26.27 -6.17
N PRO B 102 4.44 -27.22 -5.86
CA PRO B 102 5.74 -26.86 -5.29
C PRO B 102 6.57 -25.99 -6.24
N LYS B 103 6.32 -26.10 -7.54
CA LYS B 103 7.07 -25.33 -8.54
C LYS B 103 6.81 -23.82 -8.43
N TYR B 104 5.72 -23.45 -7.76
CA TYR B 104 5.34 -22.05 -7.60
C TYR B 104 5.49 -21.53 -6.17
N SER B 105 6.19 -22.27 -5.33
CA SER B 105 6.37 -21.88 -3.95
C SER B 105 7.34 -20.72 -3.87
N VAL B 106 6.99 -19.71 -3.08
CA VAL B 106 7.87 -18.55 -2.92
C VAL B 106 8.14 -18.23 -1.44
N ALA B 107 7.71 -19.11 -0.56
CA ALA B 107 7.91 -18.90 0.87
C ALA B 107 8.12 -20.21 1.61
N ASN B 108 8.99 -20.16 2.62
CA ASN B 108 9.13 -21.21 3.61
C ASN B 108 8.92 -20.62 4.99
N ASP B 109 8.75 -21.47 5.99
CA ASP B 109 9.14 -21.10 7.34
C ASP B 109 9.66 -22.27 8.15
N THR B 110 10.11 -21.94 9.35
CA THR B 110 11.05 -22.77 10.06
C THR B 110 10.48 -23.02 11.46
N GLY B 111 9.33 -22.39 11.71
CA GLY B 111 8.66 -22.50 12.99
C GLY B 111 7.80 -21.28 13.18
N PHE B 112 7.35 -21.05 14.41
CA PHE B 112 6.66 -19.81 14.71
C PHE B 112 6.77 -19.53 16.19
N VAL B 113 6.55 -18.27 16.54
CA VAL B 113 6.71 -17.85 17.92
C VAL B 113 5.42 -17.17 18.37
N ASP B 114 4.85 -17.67 19.46
CA ASP B 114 3.77 -17.00 20.16
C ASP B 114 4.33 -15.94 21.11
N ILE B 115 3.69 -14.77 21.12
CA ILE B 115 4.06 -13.69 22.00
C ILE B 115 3.13 -13.70 23.21
N PRO B 116 3.65 -13.31 24.38
CA PRO B 116 2.77 -13.26 25.55
C PRO B 116 1.64 -12.22 25.40
N LYS B 117 0.54 -12.43 26.10
CA LYS B 117 -0.62 -11.53 26.00
C LYS B 117 -0.36 -10.28 26.83
N GLN B 118 0.56 -9.46 26.35
CA GLN B 118 0.95 -8.22 27.02
C GLN B 118 1.30 -7.20 25.95
N GLU B 119 0.80 -5.98 26.13
CA GLU B 119 0.98 -4.94 25.13
C GLU B 119 2.45 -4.53 25.02
N LYS B 120 3.16 -4.59 26.14
CA LYS B 120 4.60 -4.37 26.17
C LYS B 120 5.37 -5.39 25.31
N ALA B 121 5.00 -6.66 25.43
CA ALA B 121 5.60 -7.72 24.61
C ALA B 121 5.32 -7.51 23.12
N LEU B 122 4.05 -7.24 22.79
CA LEU B 122 3.69 -6.94 21.42
C LEU B 122 4.50 -5.76 20.88
N MET B 123 4.66 -4.72 21.68
CA MET B 123 5.44 -3.56 21.24
C MET B 123 6.86 -3.97 20.83
N LYS B 124 7.49 -4.78 21.66
CA LYS B 124 8.88 -5.18 21.43
C LYS B 124 9.01 -6.03 20.19
N ALA B 125 8.01 -6.88 19.97
CA ALA B 125 7.99 -7.73 18.79
C ALA B 125 7.80 -6.88 17.54
N VAL B 126 6.80 -6.01 17.57
CA VAL B 126 6.55 -5.15 16.41
C VAL B 126 7.77 -4.30 16.10
N ALA B 127 8.41 -3.76 17.13
CA ALA B 127 9.55 -2.88 16.92
C ALA B 127 10.71 -3.64 16.28
N THR B 128 10.73 -4.95 16.49
CA THR B 128 11.95 -5.73 16.30
C THR B 128 11.88 -6.63 15.08
N VAL B 129 10.70 -7.23 14.89
CA VAL B 129 10.56 -8.43 14.09
C VAL B 129 10.03 -8.03 12.71
N GLY B 130 8.96 -7.22 12.72
CA GLY B 130 8.14 -7.04 11.53
C GLY B 130 6.66 -7.02 11.87
N PRO B 131 5.80 -7.03 10.84
CA PRO B 131 4.37 -7.19 11.08
C PRO B 131 4.08 -8.45 11.89
N ILE B 132 3.13 -8.35 12.82
CA ILE B 132 2.79 -9.46 13.71
C ILE B 132 1.32 -9.82 13.51
N SER B 133 1.03 -11.12 13.40
CA SER B 133 -0.36 -11.58 13.41
C SER B 133 -0.97 -11.51 14.81
N VAL B 134 -2.15 -10.92 14.90
CA VAL B 134 -2.95 -10.98 16.14
C VAL B 134 -4.42 -11.22 15.80
N ALA B 135 -5.22 -11.51 16.81
CA ALA B 135 -6.66 -11.55 16.62
C ALA B 135 -7.31 -10.48 17.47
N ILE B 136 -8.27 -9.77 16.91
CA ILE B 136 -8.99 -8.73 17.64
C ILE B 136 -10.50 -9.01 17.70
N ASP B 137 -11.18 -8.24 18.55
CA ASP B 137 -12.63 -8.19 18.51
C ASP B 137 -13.13 -7.25 17.42
N ALA B 138 -13.73 -7.81 16.37
CA ALA B 138 -14.11 -7.03 15.21
C ALA B 138 -15.63 -6.97 15.10
N GLY B 139 -16.31 -7.31 16.19
CA GLY B 139 -17.72 -7.65 16.12
C GLY B 139 -18.65 -6.45 16.17
N HIS B 140 -18.14 -5.33 16.66
CA HIS B 140 -19.00 -4.22 17.05
C HIS B 140 -19.29 -3.28 15.87
N GLU B 141 -20.48 -2.70 15.88
CA GLU B 141 -20.95 -1.87 14.78
C GLU B 141 -20.00 -0.70 14.49
N SER B 142 -19.48 -0.09 15.56
CA SER B 142 -18.53 1.02 15.44
C SER B 142 -17.25 0.63 14.69
N PHE B 143 -16.92 -0.66 14.70
CA PHE B 143 -15.74 -1.14 14.00
C PHE B 143 -16.05 -1.45 12.54
N LEU B 144 -17.23 -1.99 12.32
CA LEU B 144 -17.81 -2.06 10.98
C LEU B 144 -17.73 -0.72 10.26
N PHE B 145 -18.10 0.34 10.96
CA PHE B 145 -18.34 1.63 10.32
C PHE B 145 -17.11 2.51 10.38
N TYR B 146 -16.02 1.97 10.93
CA TYR B 146 -14.84 2.75 11.24
C TYR B 146 -14.30 3.45 10.01
N LYS B 147 -13.91 4.70 10.17
CA LYS B 147 -13.40 5.50 9.06
C LYS B 147 -12.03 6.12 9.37
N GLU B 148 -11.87 6.66 10.56
CA GLU B 148 -10.65 7.38 10.93
C GLU B 148 -10.50 7.43 12.44
N GLY B 149 -9.31 7.78 12.89
CA GLY B 149 -9.12 8.11 14.30
C GLY B 149 -8.66 6.88 15.06
N ILE B 150 -8.42 7.04 16.35
CA ILE B 150 -8.15 5.91 17.21
C ILE B 150 -9.45 5.20 17.60
N TYR B 151 -9.49 3.89 17.37
CA TYR B 151 -10.64 3.09 17.74
C TYR B 151 -10.45 2.49 19.14
N PHE B 152 -11.47 2.64 19.98
CA PHE B 152 -11.44 2.10 21.34
C PHE B 152 -12.42 0.93 21.45
N GLU B 153 -11.90 -0.27 21.66
CA GLU B 153 -12.76 -1.41 21.98
C GLU B 153 -13.63 -1.08 23.18
N PRO B 154 -14.96 -1.17 23.00
CA PRO B 154 -15.90 -0.69 24.01
C PRO B 154 -15.80 -1.51 25.29
N ASP B 155 -15.03 -2.59 25.23
CA ASP B 155 -15.46 -3.85 25.81
C ASP B 155 -14.34 -4.88 25.68
N CYS B 156 -13.86 -5.36 26.82
CA CYS B 156 -12.75 -6.31 26.84
C CYS B 156 -13.25 -7.71 27.22
N SER B 157 -13.07 -8.64 26.30
CA SER B 157 -13.44 -10.04 26.52
C SER B 157 -12.62 -10.99 25.64
N SER B 158 -12.02 -12.00 26.25
CA SER B 158 -11.15 -12.94 25.55
C SER B 158 -11.88 -13.57 24.37
N GLU B 159 -13.11 -14.04 24.62
CA GLU B 159 -13.80 -14.91 23.68
C GLU B 159 -14.06 -14.23 22.35
N ASP B 160 -14.29 -12.92 22.40
CA ASP B 160 -14.69 -12.17 21.21
C ASP B 160 -13.50 -11.75 20.37
N MET B 161 -12.29 -11.95 20.89
CA MET B 161 -11.08 -11.50 20.22
C MET B 161 -10.66 -12.54 19.19
N ASP B 162 -11.38 -12.60 18.06
CA ASP B 162 -11.32 -13.76 17.19
C ASP B 162 -11.33 -13.41 15.69
N HIS B 163 -11.05 -12.17 15.36
CA HIS B 163 -10.80 -11.80 13.97
C HIS B 163 -9.31 -11.53 13.74
N GLY B 164 -8.71 -12.26 12.81
CA GLY B 164 -7.27 -12.17 12.57
C GLY B 164 -6.90 -10.95 11.75
N VAL B 165 -5.90 -10.22 12.21
CA VAL B 165 -5.41 -9.04 11.49
C VAL B 165 -3.88 -8.95 11.62
N LEU B 166 -3.30 -7.85 11.15
CA LEU B 166 -1.85 -7.70 11.07
C LEU B 166 -1.44 -6.37 11.70
N VAL B 167 -0.67 -6.42 12.78
CA VAL B 167 -0.09 -5.19 13.34
C VAL B 167 1.18 -4.83 12.58
N VAL B 168 1.15 -3.70 11.88
CA VAL B 168 2.26 -3.29 11.02
C VAL B 168 3.04 -2.11 11.62
N GLY B 169 2.64 -1.68 12.80
CA GLY B 169 3.34 -0.55 13.43
C GLY B 169 2.60 0.03 14.62
N TYR B 170 3.17 1.10 15.16
CA TYR B 170 2.53 1.81 16.26
C TYR B 170 3.08 3.22 16.29
N GLY B 171 2.29 4.13 16.85
CA GLY B 171 2.74 5.51 16.98
C GLY B 171 1.88 6.25 17.97
N PHE B 172 1.86 7.58 17.83
CA PHE B 172 1.07 8.42 18.70
C PHE B 172 0.56 9.64 17.94
N GLU B 173 -0.60 10.16 18.36
CA GLU B 173 -1.37 11.11 17.56
C GLU B 173 -1.00 12.54 17.96
N SER B 174 -0.22 12.66 19.02
CA SER B 174 -0.08 13.92 19.73
C SER B 174 1.01 14.79 19.11
N ASN B 179 1.38 10.33 24.57
CA ASN B 179 -0.06 10.56 24.70
C ASN B 179 -0.83 10.20 23.44
N ASN B 180 -1.97 9.53 23.61
CA ASN B 180 -2.78 9.08 22.48
C ASN B 180 -2.03 8.10 21.56
N LYS B 181 -1.77 6.92 22.10
CA LYS B 181 -0.95 5.94 21.42
C LYS B 181 -1.85 4.97 20.68
N TYR B 182 -1.32 4.35 19.63
CA TYR B 182 -2.15 3.52 18.77
C TYR B 182 -1.32 2.47 18.07
N TRP B 183 -1.92 1.30 17.86
CA TRP B 183 -1.42 0.31 16.90
C TRP B 183 -1.92 0.58 15.48
N LEU B 184 -1.05 0.35 14.50
CA LEU B 184 -1.42 0.45 13.11
C LEU B 184 -1.74 -0.95 12.60
N VAL B 185 -2.98 -1.14 12.16
CA VAL B 185 -3.54 -2.46 12.01
C VAL B 185 -4.15 -2.66 10.62
N LYS B 186 -3.61 -3.61 9.88
CA LYS B 186 -4.06 -3.90 8.54
C LYS B 186 -5.16 -4.96 8.58
N ASN B 187 -6.34 -4.62 8.07
CA ASN B 187 -7.49 -5.54 8.04
C ASN B 187 -7.53 -6.22 6.68
N SER B 188 -8.48 -7.14 6.50
CA SER B 188 -8.66 -7.79 5.19
C SER B 188 -10.09 -7.64 4.70
N TRP B 189 -10.63 -6.44 4.82
CA TRP B 189 -11.97 -6.16 4.35
C TRP B 189 -11.94 -5.21 3.16
N GLY B 190 -10.85 -5.23 2.40
CA GLY B 190 -10.74 -4.39 1.22
C GLY B 190 -10.41 -2.95 1.56
N GLU B 191 -10.09 -2.15 0.56
CA GLU B 191 -9.55 -0.83 0.81
C GLU B 191 -10.66 0.22 1.00
N GLU B 192 -11.92 -0.21 0.90
CA GLU B 192 -13.04 0.71 1.15
C GLU B 192 -13.42 0.75 2.63
N TRP B 193 -12.96 -0.22 3.40
CA TRP B 193 -13.19 -0.24 4.84
C TRP B 193 -12.16 0.61 5.56
N GLY B 194 -12.59 1.33 6.60
CA GLY B 194 -11.68 2.06 7.45
C GLY B 194 -10.85 3.07 6.69
N MET B 195 -9.57 3.15 7.02
CA MET B 195 -8.70 4.17 6.46
C MET B 195 -7.85 3.56 5.33
N GLY B 196 -8.50 3.34 4.19
CA GLY B 196 -7.97 2.48 3.13
C GLY B 196 -7.65 1.07 3.59
N GLY B 197 -8.47 0.53 4.48
CA GLY B 197 -8.33 -0.85 4.90
C GLY B 197 -7.52 -1.01 6.17
N TYR B 198 -7.11 0.12 6.75
CA TYR B 198 -6.34 0.13 8.00
C TYR B 198 -7.18 0.68 9.16
N VAL B 199 -6.74 0.40 10.38
CA VAL B 199 -7.35 1.02 11.57
C VAL B 199 -6.28 1.34 12.60
N LYS B 200 -6.41 2.49 13.26
CA LYS B 200 -5.60 2.79 14.43
C LYS B 200 -6.33 2.33 15.68
N MET B 201 -5.73 1.37 16.39
CA MET B 201 -6.32 0.86 17.62
C MET B 201 -5.65 1.49 18.82
N ALA B 202 -6.45 1.87 19.80
CA ALA B 202 -5.91 2.47 21.02
C ALA B 202 -4.88 1.55 21.66
N LYS B 203 -3.81 2.14 22.17
CA LYS B 203 -2.66 1.38 22.65
C LYS B 203 -2.25 1.81 24.07
N ASP B 204 -1.79 0.85 24.86
CA ASP B 204 -1.33 1.08 26.23
C ASP B 204 -2.39 1.74 27.13
N ARG B 205 -3.55 1.10 27.24
CA ARG B 205 -4.81 1.82 27.34
C ARG B 205 -5.05 2.54 28.68
N ARG B 206 -4.60 1.93 29.78
CA ARG B 206 -5.07 2.30 31.11
C ARG B 206 -5.90 1.17 31.70
N ASN B 207 -7.08 0.96 31.13
CA ASN B 207 -8.00 -0.07 31.59
C ASN B 207 -7.58 -1.48 31.14
N HIS B 208 -6.30 -1.62 30.79
CA HIS B 208 -5.58 -2.84 31.08
C HIS B 208 -5.59 -3.78 29.88
N CYS B 209 -6.46 -3.51 28.93
CA CYS B 209 -6.68 -4.42 27.81
C CYS B 209 -6.53 -3.65 26.50
N GLY B 210 -5.63 -4.12 25.64
CA GLY B 210 -5.49 -5.55 25.36
C GLY B 210 -5.95 -5.87 23.95
N ILE B 211 -5.01 -5.95 23.03
CA ILE B 211 -5.23 -6.59 21.73
C ILE B 211 -4.18 -7.67 21.45
N ALA B 212 -3.26 -7.86 22.40
CA ALA B 212 -2.22 -8.88 22.25
C ALA B 212 -2.79 -10.28 22.50
N SER B 213 -3.97 -10.54 21.96
CA SER B 213 -4.70 -11.79 22.20
C SER B 213 -3.88 -13.03 21.82
N ALA B 214 -3.93 -13.37 20.54
CA ALA B 214 -3.24 -14.54 20.03
C ALA B 214 -2.08 -14.11 19.10
N ALA B 215 -1.14 -13.37 19.65
CA ALA B 215 -0.12 -12.71 18.85
C ALA B 215 0.98 -13.70 18.48
N SER B 216 1.42 -13.69 17.23
CA SER B 216 2.45 -14.62 16.80
C SER B 216 3.02 -14.27 15.42
N TYR B 217 4.17 -14.87 15.12
CA TYR B 217 4.85 -14.62 13.85
C TYR B 217 5.71 -15.83 13.50
N PRO B 218 5.86 -16.11 12.20
CA PRO B 218 6.67 -17.23 11.74
C PRO B 218 8.16 -16.94 11.84
N THR B 219 8.95 -17.98 12.07
CA THR B 219 10.39 -17.85 11.94
C THR B 219 10.84 -18.39 10.59
N VAL B 220 11.79 -17.70 9.99
CA VAL B 220 12.26 -18.07 8.66
C VAL B 220 13.74 -18.43 8.68
C1 NAG C . 23.06 4.01 -12.87
C2 NAG C . 23.73 3.00 -11.94
C3 NAG C . 25.20 3.33 -11.70
C4 NAG C . 25.91 3.70 -13.00
C5 NAG C . 25.12 4.79 -13.70
C6 NAG C . 25.81 5.25 -14.98
C7 NAG C . 21.97 2.23 -10.43
C8 NAG C . 21.40 2.27 -9.05
N2 NAG C . 23.05 2.98 -10.65
O3 NAG C . 25.83 2.20 -11.10
O4 NAG C . 27.22 4.16 -12.74
O5 NAG C . 23.84 4.27 -14.01
O6 NAG C . 25.54 4.33 -16.01
O7 NAG C . 21.44 1.55 -11.30
C1 GOL D . -1.82 21.33 -0.24
O1 GOL D . -0.53 20.84 0.04
C2 GOL D . -2.82 20.69 0.72
O2 GOL D . -2.47 19.34 0.83
C3 GOL D . -4.23 20.81 0.18
O3 GOL D . -4.83 22.01 0.64
C1 GOL E . -16.74 22.96 -6.95
O1 GOL E . -17.27 21.69 -7.30
C2 GOL E . -15.89 22.81 -5.71
O2 GOL E . -16.43 21.79 -4.89
C3 GOL E . -15.85 24.15 -4.97
O3 GOL E . -14.93 24.98 -5.62
S SO4 F . 1.03 21.05 -5.52
O1 SO4 F . 0.48 20.46 -4.30
O2 SO4 F . 0.25 20.56 -6.65
O3 SO4 F . 0.93 22.49 -5.45
O4 SO4 F . 2.42 20.63 -5.67
S SO4 G . -0.77 10.48 6.90
O1 SO4 G . -1.03 10.06 8.27
O2 SO4 G . -2.01 10.95 6.31
O3 SO4 G . 0.22 11.57 6.90
O4 SO4 G . -0.24 9.37 6.13
NA NA H . -7.43 -28.33 3.88
C1 GOL I . -17.38 -12.56 8.11
O1 GOL I . -17.93 -13.83 7.87
C2 GOL I . -17.15 -11.83 6.80
O2 GOL I . -16.40 -12.67 5.96
C3 GOL I . -16.40 -10.53 7.01
O3 GOL I . -17.28 -9.43 6.86
C1 GOL J . -10.68 -3.28 -2.58
O1 GOL J . -11.07 -2.93 -3.89
C2 GOL J . -11.63 -4.33 -2.04
O2 GOL J . -11.84 -5.35 -2.98
C3 GOL J . -12.96 -3.66 -1.72
O3 GOL J . -12.71 -2.60 -0.82
C1 GOL K . -22.98 -2.21 18.11
O1 GOL K . -24.06 -2.54 18.95
C2 GOL K . -21.69 -2.42 18.87
O2 GOL K . -21.74 -3.71 19.46
C3 GOL K . -21.55 -1.36 19.96
O3 GOL K . -20.90 -0.22 19.44
S SO4 L . 10.88 -2.98 30.06
O1 SO4 L . 9.72 -2.19 30.43
O2 SO4 L . 10.83 -3.29 28.62
O3 SO4 L . 12.10 -2.22 30.35
O4 SO4 L . 10.88 -4.24 30.80
S SO4 M . -13.25 -13.98 10.23
O1 SO4 M . -14.39 -14.76 10.73
O2 SO4 M . -13.74 -12.95 9.33
O3 SO4 M . -12.56 -13.36 11.36
O4 SO4 M . -12.36 -14.88 9.50
#